data_4A9H
#
_entry.id   4A9H
#
_cell.length_a   114.232
_cell.length_b   55.531
_cell.length_c   67.975
_cell.angle_alpha   90.00
_cell.angle_beta   94.85
_cell.angle_gamma   90.00
#
_symmetry.space_group_name_H-M   'C 1 2 1'
#
loop_
_entity.id
_entity.type
_entity.pdbx_description
1 polymer 'BROMODOMAIN-CONTAINING PROTEIN 2'
2 non-polymer 1,2-ETHANEDIOL
3 non-polymer (2S)-1-ACETYL-2-METHYL-1,2,3,4-TETRAHYDROQUINOLINE
4 non-polymer 'SULFATE ION'
5 water water
#
_entity_poly.entity_id   1
_entity_poly.type   'polypeptide(L)'
_entity_poly.pdbx_seq_one_letter_code
;GSSHHHHHHSSGLVPRGSHMSNPKKPGRVTNQLQYLHKVVMKALWKHQFAWPFRQPVDAVKLGLPDYHKIIKQPMDMGTI
KRRLENNYYWAASECMQDFNTMFTNCYIYNKPTDDIVLMAQTLEKIFLQKVASMPQEEQELVVTIPKNSHKKGA
;
_entity_poly.pdbx_strand_id   A,B,C
#
# COMPACT_ATOMS: atom_id res chain seq x y z
N VAL A 29 17.11 -0.21 -6.66
CA VAL A 29 16.25 -1.36 -6.27
C VAL A 29 16.36 -1.65 -4.78
N THR A 30 15.25 -1.46 -4.05
N THR A 30 15.23 -1.55 -4.08
CA THR A 30 15.17 -1.82 -2.62
CA THR A 30 15.16 -1.80 -2.65
C THR A 30 13.99 -2.76 -2.38
C THR A 30 13.95 -2.68 -2.34
N ASN A 31 13.95 -3.31 -1.17
CA ASN A 31 12.85 -4.20 -0.77
C ASN A 31 11.48 -3.49 -0.77
N GLN A 32 11.46 -2.25 -0.28
CA GLN A 32 10.23 -1.48 -0.18
C GLN A 32 9.73 -1.06 -1.56
N LEU A 33 10.64 -0.62 -2.41
CA LEU A 33 10.29 -0.23 -3.76
C LEU A 33 9.78 -1.42 -4.57
N GLN A 34 10.38 -2.58 -4.34
CA GLN A 34 9.90 -3.82 -4.93
C GLN A 34 8.47 -4.14 -4.50
N TYR A 35 8.20 -3.90 -3.22
CA TYR A 35 6.87 -4.09 -2.69
C TYR A 35 5.92 -3.12 -3.39
N LEU A 36 6.34 -1.86 -3.50
CA LEU A 36 5.49 -0.85 -4.14
C LEU A 36 5.18 -1.18 -5.61
N HIS A 37 6.12 -1.82 -6.30
CA HIS A 37 5.91 -2.21 -7.68
C HIS A 37 5.08 -3.46 -7.79
N LYS A 38 5.51 -4.54 -7.14
CA LYS A 38 4.89 -5.86 -7.32
C LYS A 38 3.55 -6.01 -6.61
N VAL A 39 3.32 -5.27 -5.54
CA VAL A 39 2.10 -5.40 -4.76
C VAL A 39 1.18 -4.20 -4.91
N VAL A 40 1.70 -2.99 -4.73
CA VAL A 40 0.84 -1.81 -4.69
C VAL A 40 0.42 -1.38 -6.09
N MET A 41 1.39 -1.06 -6.94
N MET A 41 1.37 -1.04 -6.95
CA MET A 41 1.13 -0.68 -8.32
CA MET A 41 1.04 -0.65 -8.34
C MET A 41 0.32 -1.76 -9.03
C MET A 41 0.33 -1.77 -9.09
N LYS A 42 0.77 -3.00 -8.89
CA LYS A 42 0.07 -4.14 -9.51
C LYS A 42 -1.42 -4.15 -9.19
N ALA A 43 -1.75 -4.01 -7.91
CA ALA A 43 -3.15 -4.01 -7.45
C ALA A 43 -3.92 -2.82 -8.03
N LEU A 44 -3.29 -1.66 -8.04
CA LEU A 44 -3.98 -0.43 -8.45
C LEU A 44 -4.15 -0.32 -9.96
N TRP A 45 -3.12 -0.70 -10.72
CA TRP A 45 -3.11 -0.57 -12.18
C TRP A 45 -4.24 -1.28 -12.85
N LYS A 46 -4.60 -2.45 -12.32
CA LYS A 46 -5.57 -3.32 -12.94
C LYS A 46 -6.98 -3.06 -12.39
N HIS A 47 -7.12 -2.13 -11.46
CA HIS A 47 -8.40 -1.89 -10.80
C HIS A 47 -9.38 -1.25 -11.75
N GLN A 48 -10.66 -1.62 -11.62
CA GLN A 48 -11.73 -1.12 -12.46
C GLN A 48 -12.00 0.39 -12.38
N PHE A 49 -11.55 1.04 -11.31
CA PHE A 49 -11.64 2.49 -11.17
C PHE A 49 -10.36 3.23 -11.56
N ALA A 50 -9.37 2.49 -12.04
CA ALA A 50 -8.04 3.06 -12.28
C ALA A 50 -7.91 3.88 -13.56
N TRP A 51 -8.80 3.68 -14.52
CA TRP A 51 -8.53 4.17 -15.87
C TRP A 51 -8.33 5.67 -15.96
N PRO A 52 -9.05 6.49 -15.16
CA PRO A 52 -8.80 7.93 -15.28
C PRO A 52 -7.43 8.36 -14.77
N PHE A 53 -6.75 7.45 -14.05
CA PHE A 53 -5.53 7.73 -13.36
C PHE A 53 -4.32 7.12 -14.04
N ARG A 54 -4.53 6.33 -15.10
CA ARG A 54 -3.40 5.62 -15.74
C ARG A 54 -2.49 6.52 -16.60
N GLN A 55 -2.91 7.76 -16.85
CA GLN A 55 -2.16 8.70 -17.67
C GLN A 55 -2.50 10.09 -17.15
N PRO A 56 -1.63 11.09 -17.42
CA PRO A 56 -1.88 12.43 -16.95
C PRO A 56 -3.27 12.97 -17.31
N VAL A 57 -3.84 13.80 -16.43
CA VAL A 57 -5.04 14.53 -16.76
C VAL A 57 -4.78 15.34 -18.06
N ASP A 58 -5.61 15.11 -19.07
CA ASP A 58 -5.53 15.87 -20.32
C ASP A 58 -6.58 16.96 -20.31
N ALA A 59 -6.16 18.17 -19.93
CA ALA A 59 -7.03 19.35 -19.76
C ALA A 59 -7.73 19.82 -21.02
N VAL A 60 -7.10 19.63 -22.18
CA VAL A 60 -7.72 20.01 -23.46
C VAL A 60 -8.82 19.01 -23.80
N LYS A 61 -8.49 17.73 -23.76
CA LYS A 61 -9.48 16.67 -23.96
C LYS A 61 -10.68 16.75 -23.00
N LEU A 62 -10.43 17.07 -21.74
CA LEU A 62 -11.53 17.12 -20.76
C LEU A 62 -12.25 18.46 -20.72
N GLY A 63 -11.69 19.46 -21.40
CA GLY A 63 -12.31 20.78 -21.42
C GLY A 63 -12.14 21.51 -20.10
N LEU A 64 -10.95 21.41 -19.52
CA LEU A 64 -10.70 21.90 -18.18
C LEU A 64 -9.56 22.94 -18.18
N PRO A 65 -9.86 24.16 -18.64
CA PRO A 65 -8.82 25.20 -18.83
C PRO A 65 -8.19 25.72 -17.54
N ASP A 66 -8.85 25.50 -16.41
CA ASP A 66 -8.30 25.87 -15.12
C ASP A 66 -7.50 24.76 -14.43
N TYR A 67 -7.46 23.55 -14.98
CA TYR A 67 -6.84 22.42 -14.26
C TYR A 67 -5.41 22.76 -13.81
N HIS A 68 -4.61 23.27 -14.73
CA HIS A 68 -3.21 23.52 -14.45
C HIS A 68 -2.97 24.80 -13.69
N LYS A 69 -3.99 25.65 -13.60
CA LYS A 69 -3.95 26.80 -12.71
C LYS A 69 -4.15 26.37 -11.26
N ILE A 70 -4.86 25.27 -11.04
CA ILE A 70 -5.19 24.78 -9.70
C ILE A 70 -4.23 23.68 -9.25
N ILE A 71 -3.92 22.75 -10.14
CA ILE A 71 -2.98 21.68 -9.82
C ILE A 71 -1.59 22.01 -10.39
N LYS A 72 -0.63 22.19 -9.50
CA LYS A 72 0.73 22.63 -9.89
C LYS A 72 1.71 21.51 -10.10
N GLN A 73 1.46 20.38 -9.44
N GLN A 73 1.39 20.34 -9.54
CA GLN A 73 2.22 19.17 -9.67
CA GLN A 73 2.24 19.15 -9.63
C GLN A 73 1.20 18.09 -10.02
C GLN A 73 1.41 17.94 -10.05
N PRO A 74 0.98 17.89 -11.32
CA PRO A 74 0.16 16.77 -11.79
C PRO A 74 0.89 15.45 -11.57
N MET A 75 0.17 14.38 -11.28
CA MET A 75 0.74 13.06 -11.11
C MET A 75 -0.30 12.02 -11.49
N ASP A 76 0.17 10.86 -11.95
CA ASP A 76 -0.68 9.79 -12.43
C ASP A 76 0.08 8.46 -12.28
N MET A 77 -0.64 7.36 -12.32
N MET A 77 -0.66 7.36 -12.30
CA MET A 77 -0.03 6.03 -12.13
CA MET A 77 -0.10 6.01 -12.16
C MET A 77 0.84 5.57 -13.28
C MET A 77 0.90 5.68 -13.25
N GLY A 78 0.63 6.16 -14.46
CA GLY A 78 1.52 5.91 -15.61
C GLY A 78 2.93 6.42 -15.33
N THR A 79 3.02 7.67 -14.89
CA THR A 79 4.29 8.26 -14.47
C THR A 79 4.93 7.46 -13.34
N ILE A 80 4.17 7.10 -12.31
CA ILE A 80 4.74 6.35 -11.18
C ILE A 80 5.25 4.97 -11.64
N LYS A 81 4.46 4.28 -12.45
CA LYS A 81 4.81 2.95 -12.95
C LYS A 81 6.10 3.01 -13.77
N ARG A 82 6.18 4.00 -14.66
CA ARG A 82 7.39 4.26 -15.44
C ARG A 82 8.61 4.50 -14.53
N ARG A 83 8.42 5.32 -13.49
CA ARG A 83 9.49 5.62 -12.54
C ARG A 83 9.95 4.38 -11.78
N LEU A 84 9.03 3.52 -11.40
CA LEU A 84 9.37 2.25 -10.77
C LEU A 84 10.14 1.36 -11.74
N GLU A 85 9.66 1.27 -12.98
CA GLU A 85 10.30 0.41 -14.00
C GLU A 85 11.70 0.91 -14.38
N ASN A 86 11.95 2.21 -14.24
CA ASN A 86 13.23 2.80 -14.61
C ASN A 86 14.11 3.14 -13.42
N ASN A 87 13.78 2.56 -12.25
CA ASN A 87 14.56 2.78 -11.04
C ASN A 87 14.84 4.26 -10.79
N TYR A 88 13.81 5.08 -10.99
CA TYR A 88 13.92 6.53 -10.82
C TYR A 88 14.02 6.89 -9.34
N TYR A 89 13.27 6.17 -8.50
CA TYR A 89 13.15 6.50 -7.07
C TYR A 89 14.35 6.00 -6.25
N TRP A 90 14.78 6.82 -5.29
CA TRP A 90 15.85 6.45 -4.34
C TRP A 90 15.31 5.88 -3.05
N ALA A 91 14.09 6.23 -2.69
CA ALA A 91 13.45 5.73 -1.47
C ALA A 91 11.99 5.43 -1.73
N ALA A 92 11.43 4.49 -0.97
CA ALA A 92 10.03 4.11 -1.09
C ALA A 92 9.14 5.31 -0.81
N SER A 93 9.52 6.13 0.18
CA SER A 93 8.74 7.30 0.57
C SER A 93 8.56 8.31 -0.57
N GLU A 94 9.51 8.36 -1.51
N GLU A 94 9.50 8.35 -1.51
CA GLU A 94 9.40 9.22 -2.68
CA GLU A 94 9.40 9.21 -2.67
C GLU A 94 8.29 8.73 -3.63
C GLU A 94 8.29 8.72 -3.62
N CYS A 95 8.19 7.42 -3.81
CA CYS A 95 7.12 6.83 -4.61
C CYS A 95 5.77 7.00 -3.92
N MET A 96 5.77 6.79 -2.61
CA MET A 96 4.57 6.97 -1.79
C MET A 96 4.01 8.38 -1.90
N GLN A 97 4.90 9.38 -1.90
CA GLN A 97 4.48 10.78 -2.04
C GLN A 97 3.84 11.07 -3.39
N ASP A 98 4.32 10.43 -4.46
CA ASP A 98 3.71 10.56 -5.78
C ASP A 98 2.29 10.01 -5.80
N PHE A 99 2.09 8.79 -5.31
CA PHE A 99 0.72 8.24 -5.13
C PHE A 99 -0.16 9.24 -4.41
N ASN A 100 0.37 9.76 -3.31
CA ASN A 100 -0.41 10.68 -2.48
C ASN A 100 -0.75 11.97 -3.22
N THR A 101 0.22 12.50 -3.97
CA THR A 101 0.00 13.70 -4.78
C THR A 101 -1.10 13.46 -5.82
N MET A 102 -1.03 12.32 -6.48
CA MET A 102 -2.05 11.92 -7.46
C MET A 102 -3.44 11.97 -6.84
N PHE A 103 -3.60 11.35 -5.67
CA PHE A 103 -4.91 11.32 -5.03
C PHE A 103 -5.33 12.71 -4.54
N THR A 104 -4.41 13.45 -3.95
CA THR A 104 -4.71 14.77 -3.38
C THR A 104 -5.12 15.76 -4.47
N ASN A 105 -4.39 15.75 -5.59
CA ASN A 105 -4.75 16.57 -6.75
C ASN A 105 -6.22 16.37 -7.10
N CYS A 106 -6.64 15.10 -7.11
CA CYS A 106 -8.00 14.75 -7.48
C CYS A 106 -9.01 15.36 -6.53
N TYR A 107 -8.76 15.22 -5.22
CA TYR A 107 -9.68 15.77 -4.23
C TYR A 107 -9.75 17.28 -4.25
N ILE A 108 -8.62 17.91 -4.52
CA ILE A 108 -8.55 19.36 -4.49
C ILE A 108 -9.26 19.99 -5.70
N TYR A 109 -9.07 19.42 -6.87
CA TYR A 109 -9.59 20.01 -8.09
C TYR A 109 -11.08 19.76 -8.30
N ASN A 110 -11.51 18.54 -8.10
CA ASN A 110 -12.87 18.14 -8.49
C ASN A 110 -13.91 18.51 -7.44
N LYS A 111 -15.18 18.51 -7.84
CA LYS A 111 -16.27 18.80 -6.91
C LYS A 111 -16.44 17.60 -5.98
N PRO A 112 -16.81 17.83 -4.72
CA PRO A 112 -17.05 16.81 -3.70
C PRO A 112 -17.97 15.67 -4.15
N THR A 113 -18.96 16.00 -4.97
CA THR A 113 -19.96 15.02 -5.40
C THR A 113 -19.61 14.32 -6.70
N ASP A 114 -18.44 14.63 -7.30
CA ASP A 114 -18.02 13.97 -8.55
C ASP A 114 -17.64 12.53 -8.31
N ASP A 115 -17.99 11.65 -9.26
CA ASP A 115 -17.64 10.25 -9.20
C ASP A 115 -16.15 9.99 -9.08
N ILE A 116 -15.34 10.80 -9.76
CA ILE A 116 -13.89 10.65 -9.73
C ILE A 116 -13.35 10.63 -8.29
N VAL A 117 -13.96 11.41 -7.42
CA VAL A 117 -13.54 11.44 -6.02
C VAL A 117 -13.74 10.10 -5.31
N LEU A 118 -14.89 9.48 -5.57
N LEU A 118 -14.90 9.47 -5.57
CA LEU A 118 -15.21 8.16 -5.03
CA LEU A 118 -15.18 8.15 -5.01
C LEU A 118 -14.23 7.12 -5.58
C LEU A 118 -14.20 7.12 -5.57
N MET A 119 -13.88 7.25 -6.86
CA MET A 119 -12.92 6.35 -7.49
C MET A 119 -11.53 6.49 -6.86
N ALA A 120 -11.13 7.74 -6.66
CA ALA A 120 -9.87 8.04 -5.98
C ALA A 120 -9.88 7.48 -4.55
N GLN A 121 -10.95 7.72 -3.79
CA GLN A 121 -11.06 7.22 -2.41
C GLN A 121 -10.91 5.71 -2.37
N THR A 122 -11.55 5.01 -3.31
CA THR A 122 -11.47 3.55 -3.37
C THR A 122 -10.05 3.06 -3.63
N LEU A 123 -9.38 3.66 -4.60
CA LEU A 123 -8.00 3.27 -4.92
C LEU A 123 -7.07 3.62 -3.76
N GLU A 124 -7.29 4.78 -3.14
CA GLU A 124 -6.41 5.17 -2.05
C GLU A 124 -6.51 4.25 -0.84
N LYS A 125 -7.71 3.75 -0.54
N LYS A 125 -7.72 3.75 -0.57
CA LYS A 125 -7.88 2.81 0.55
CA LYS A 125 -7.93 2.79 0.51
C LYS A 125 -7.05 1.55 0.31
C LYS A 125 -7.07 1.57 0.30
N ILE A 126 -7.03 1.07 -0.93
CA ILE A 126 -6.21 -0.09 -1.28
C ILE A 126 -4.72 0.26 -1.14
N PHE A 127 -4.35 1.48 -1.50
CA PHE A 127 -2.96 1.94 -1.37
C PHE A 127 -2.51 1.85 0.09
N LEU A 128 -3.32 2.41 0.97
CA LEU A 128 -3.02 2.42 2.39
C LEU A 128 -3.01 1.04 3.04
N GLN A 129 -4.03 0.23 2.73
CA GLN A 129 -4.06 -1.15 3.18
C GLN A 129 -2.76 -1.87 2.81
N LYS A 130 -2.32 -1.73 1.57
CA LYS A 130 -1.10 -2.42 1.14
C LYS A 130 0.14 -1.85 1.82
N VAL A 131 0.19 -0.52 1.95
CA VAL A 131 1.33 0.16 2.56
C VAL A 131 1.51 -0.26 4.00
N ALA A 132 0.41 -0.66 4.66
CA ALA A 132 0.44 -1.16 6.04
C ALA A 132 1.29 -2.43 6.22
N SER A 133 1.51 -3.18 5.14
CA SER A 133 2.28 -4.43 5.20
C SER A 133 3.62 -4.31 4.48
N MET A 134 4.01 -3.10 4.11
CA MET A 134 5.28 -2.86 3.42
C MET A 134 6.45 -3.19 4.36
N PRO A 135 7.55 -3.76 3.83
CA PRO A 135 8.79 -3.98 4.61
C PRO A 135 9.23 -2.71 5.34
N GLN A 136 9.58 -2.81 6.62
CA GLN A 136 9.76 -1.63 7.47
C GLN A 136 11.10 -0.91 7.28
N GLU A 137 12.13 -1.64 6.88
CA GLU A 137 13.47 -1.07 6.76
C GLU A 137 13.92 -1.15 5.32
N GLU A 138 14.22 0.02 4.75
CA GLU A 138 14.72 0.09 3.39
C GLU A 138 16.16 -0.40 3.31
N GLN A 139 16.34 -1.57 2.70
CA GLN A 139 17.66 -2.13 2.43
C GLN A 139 17.78 -2.35 0.92
N GLU A 140 18.85 -1.80 0.33
CA GLU A 140 19.03 -1.78 -1.13
C GLU A 140 18.93 -3.18 -1.77
N THR B 30 -1.42 -4.05 19.06
CA THR B 30 -0.29 -4.57 18.26
C THR B 30 0.93 -3.65 18.30
N ASN B 31 2.07 -4.16 17.84
CA ASN B 31 3.27 -3.37 17.65
C ASN B 31 3.03 -2.17 16.72
N GLN B 32 2.31 -2.40 15.63
CA GLN B 32 2.07 -1.36 14.62
C GLN B 32 1.23 -0.23 15.18
N LEU B 33 0.16 -0.57 15.88
CA LEU B 33 -0.74 0.44 16.48
C LEU B 33 -0.01 1.26 17.55
N GLN B 34 0.89 0.60 18.28
CA GLN B 34 1.74 1.30 19.23
C GLN B 34 2.66 2.30 18.53
N TYR B 35 3.22 1.90 17.39
CA TYR B 35 4.04 2.77 16.55
C TYR B 35 3.22 3.97 16.01
N LEU B 36 1.99 3.72 15.56
CA LEU B 36 1.13 4.80 15.06
C LEU B 36 0.78 5.78 16.18
N HIS B 37 0.67 5.25 17.40
CA HIS B 37 0.33 6.08 18.54
C HIS B 37 1.51 6.87 18.99
N LYS B 38 2.63 6.21 19.24
CA LYS B 38 3.77 6.84 19.92
C LYS B 38 4.77 7.52 18.99
N VAL B 39 4.86 7.07 17.74
CA VAL B 39 5.81 7.66 16.81
C VAL B 39 5.07 8.54 15.79
N VAL B 40 4.05 8.00 15.14
CA VAL B 40 3.40 8.76 14.06
C VAL B 40 2.54 9.89 14.61
N MET B 41 1.56 9.57 15.45
CA MET B 41 0.65 10.58 15.99
C MET B 41 1.37 11.64 16.82
N LYS B 42 2.39 11.25 17.58
CA LYS B 42 3.12 12.20 18.44
C LYS B 42 3.82 13.27 17.60
N ALA B 43 4.49 12.84 16.54
CA ALA B 43 5.11 13.73 15.57
C ALA B 43 4.10 14.68 14.92
N LEU B 44 2.99 14.15 14.43
CA LEU B 44 1.98 15.00 13.80
C LEU B 44 1.35 15.95 14.80
N TRP B 45 1.00 15.43 15.98
CA TRP B 45 0.26 16.21 16.98
C TRP B 45 0.95 17.49 17.36
N LYS B 46 2.27 17.44 17.53
CA LYS B 46 3.02 18.60 18.03
C LYS B 46 3.43 19.57 16.93
N HIS B 47 3.21 19.20 15.67
CA HIS B 47 3.55 20.05 14.53
C HIS B 47 2.84 21.39 14.59
N GLN B 48 3.53 22.44 14.13
CA GLN B 48 2.98 23.81 14.07
C GLN B 48 1.76 24.01 13.17
N PHE B 49 1.50 23.11 12.22
CA PHE B 49 0.29 23.21 11.41
C PHE B 49 -0.84 22.31 11.92
N ALA B 50 -0.62 21.64 13.04
CA ALA B 50 -1.55 20.59 13.49
C ALA B 50 -2.79 21.08 14.22
N TRP B 51 -2.76 22.28 14.81
CA TRP B 51 -3.87 22.74 15.65
C TRP B 51 -5.29 22.65 15.10
N PRO B 52 -5.51 22.94 13.79
CA PRO B 52 -6.90 22.81 13.31
C PRO B 52 -7.41 21.36 13.29
N PHE B 53 -6.50 20.39 13.36
CA PHE B 53 -6.80 18.99 13.15
C PHE B 53 -6.84 18.16 14.43
N ARG B 54 -6.61 18.79 15.58
CA ARG B 54 -6.54 18.08 16.86
C ARG B 54 -7.90 17.81 17.50
N GLN B 55 -8.95 18.39 16.94
CA GLN B 55 -10.31 18.17 17.40
C GLN B 55 -11.24 18.22 16.20
N PRO B 56 -12.47 17.71 16.33
CA PRO B 56 -13.38 17.80 15.19
C PRO B 56 -13.58 19.24 14.71
N VAL B 57 -13.88 19.40 13.43
CA VAL B 57 -14.26 20.69 12.88
C VAL B 57 -15.52 21.15 13.60
N ASP B 58 -15.52 22.36 14.12
CA ASP B 58 -16.70 22.94 14.75
C ASP B 58 -17.32 23.90 13.75
N ALA B 59 -18.33 23.41 13.05
CA ALA B 59 -18.96 24.12 11.94
C ALA B 59 -19.77 25.31 12.42
N VAL B 60 -20.29 25.21 13.64
CA VAL B 60 -21.03 26.30 14.26
C VAL B 60 -20.03 27.42 14.59
N LYS B 61 -18.99 27.08 15.36
CA LYS B 61 -17.99 28.06 15.75
C LYS B 61 -17.33 28.71 14.55
N LEU B 62 -17.07 27.93 13.50
CA LEU B 62 -16.44 28.48 12.29
C LEU B 62 -17.43 29.18 11.36
N GLY B 63 -18.72 29.01 11.61
CA GLY B 63 -19.75 29.57 10.73
C GLY B 63 -19.76 28.89 9.38
N LEU B 64 -19.74 27.56 9.37
CA LEU B 64 -19.74 26.79 8.12
C LEU B 64 -20.95 25.84 8.09
N PRO B 65 -22.13 26.37 7.76
CA PRO B 65 -23.34 25.57 7.81
C PRO B 65 -23.45 24.51 6.71
N ASP B 66 -22.62 24.60 5.66
CA ASP B 66 -22.60 23.52 4.66
C ASP B 66 -21.56 22.42 4.97
N TYR B 67 -20.76 22.58 6.03
CA TYR B 67 -19.67 21.63 6.26
C TYR B 67 -20.20 20.20 6.32
N HIS B 68 -21.20 19.97 7.15
CA HIS B 68 -21.72 18.60 7.35
C HIS B 68 -22.60 18.11 6.22
N LYS B 69 -23.04 19.03 5.37
CA LYS B 69 -23.77 18.64 4.15
C LYS B 69 -22.81 18.09 3.09
N ILE B 70 -21.55 18.51 3.17
CA ILE B 70 -20.51 18.07 2.22
C ILE B 70 -19.66 16.94 2.78
N ILE B 71 -19.25 17.06 4.03
CA ILE B 71 -18.42 16.05 4.66
C ILE B 71 -19.26 15.16 5.55
N LYS B 72 -19.44 13.92 5.08
CA LYS B 72 -20.32 12.95 5.73
C LYS B 72 -19.66 12.02 6.76
N GLN B 73 -18.33 11.94 6.73
N GLN B 73 -18.32 11.96 6.74
CA GLN B 73 -17.55 11.21 7.74
CA GLN B 73 -17.56 11.20 7.72
C GLN B 73 -16.48 12.11 8.34
C GLN B 73 -16.47 12.08 8.35
N PRO B 74 -16.86 12.98 9.28
CA PRO B 74 -15.87 13.84 9.94
C PRO B 74 -14.82 12.99 10.68
N MET B 75 -13.59 13.49 10.69
CA MET B 75 -12.48 12.82 11.36
C MET B 75 -11.39 13.87 11.71
N ASP B 76 -10.69 13.61 12.81
CA ASP B 76 -9.69 14.51 13.35
C ASP B 76 -8.72 13.67 14.20
N MET B 77 -7.55 14.22 14.54
N MET B 77 -7.56 14.24 14.53
CA MET B 77 -6.54 13.45 15.26
CA MET B 77 -6.50 13.55 15.28
C MET B 77 -6.91 13.18 16.72
C MET B 77 -6.93 13.17 16.69
N GLY B 78 -7.76 14.02 17.32
CA GLY B 78 -8.24 13.78 18.68
C GLY B 78 -9.09 12.53 18.79
N THR B 79 -9.99 12.35 17.81
CA THR B 79 -10.78 11.09 17.70
C THR B 79 -9.87 9.89 17.46
N ILE B 80 -8.88 10.04 16.60
CA ILE B 80 -7.96 8.93 16.29
C ILE B 80 -7.12 8.53 17.51
N LYS B 81 -6.63 9.54 18.22
CA LYS B 81 -5.81 9.35 19.41
C LYS B 81 -6.61 8.61 20.49
N ARG B 82 -7.83 9.06 20.72
CA ARG B 82 -8.72 8.44 21.69
C ARG B 82 -9.01 6.99 21.30
N ARG B 83 -9.17 6.74 20.01
CA ARG B 83 -9.43 5.40 19.51
C ARG B 83 -8.22 4.49 19.75
N LEU B 84 -7.03 5.06 19.54
CA LEU B 84 -5.78 4.33 19.83
C LEU B 84 -5.65 4.02 21.34
N GLU B 85 -6.08 4.96 22.18
CA GLU B 85 -5.97 4.81 23.64
C GLU B 85 -6.99 3.83 24.23
N ASN B 86 -8.16 3.70 23.59
CA ASN B 86 -9.21 2.77 24.03
C ASN B 86 -9.23 1.41 23.29
N ASN B 87 -8.14 1.05 22.61
CA ASN B 87 -8.04 -0.24 21.91
C ASN B 87 -9.15 -0.50 20.89
N TYR B 88 -9.60 0.57 20.26
CA TYR B 88 -10.70 0.50 19.29
C TYR B 88 -10.30 -0.19 17.99
N TYR B 89 -9.08 0.05 17.52
CA TYR B 89 -8.66 -0.49 16.23
C TYR B 89 -8.24 -1.94 16.38
N TRP B 90 -8.57 -2.74 15.37
CA TRP B 90 -8.12 -4.12 15.31
C TRP B 90 -6.84 -4.24 14.52
N ALA B 91 -6.62 -3.35 13.56
CA ALA B 91 -5.40 -3.35 12.74
C ALA B 91 -4.90 -1.94 12.41
N ALA B 92 -3.59 -1.85 12.18
CA ALA B 92 -2.92 -0.61 11.80
C ALA B 92 -3.58 0.04 10.60
N SER B 93 -3.95 -0.78 9.62
N SER B 93 -3.95 -0.78 9.61
CA SER B 93 -4.63 -0.35 8.41
CA SER B 93 -4.62 -0.31 8.40
C SER B 93 -5.89 0.47 8.69
C SER B 93 -5.89 0.49 8.70
N GLU B 94 -6.64 0.06 9.72
CA GLU B 94 -7.88 0.73 10.10
C GLU B 94 -7.60 2.15 10.59
N CYS B 95 -6.52 2.30 11.34
CA CYS B 95 -6.13 3.58 11.88
C CYS B 95 -5.58 4.50 10.78
N MET B 96 -4.80 3.93 9.87
CA MET B 96 -4.30 4.68 8.70
C MET B 96 -5.45 5.23 7.83
N GLN B 97 -6.55 4.49 7.73
CA GLN B 97 -7.72 4.93 6.96
C GLN B 97 -8.36 6.15 7.59
N ASP B 98 -8.40 6.17 8.92
CA ASP B 98 -8.88 7.34 9.63
C ASP B 98 -8.03 8.59 9.38
N PHE B 99 -6.71 8.46 9.45
CA PHE B 99 -5.83 9.58 9.08
C PHE B 99 -6.16 10.06 7.65
N ASN B 100 -6.24 9.11 6.74
CA ASN B 100 -6.54 9.45 5.36
C ASN B 100 -7.88 10.20 5.19
N THR B 101 -8.91 9.71 5.85
CA THR B 101 -10.21 10.39 5.81
C THR B 101 -10.14 11.83 6.31
N MET B 102 -9.42 12.04 7.41
CA MET B 102 -9.21 13.38 7.94
C MET B 102 -8.62 14.32 6.88
N PHE B 103 -7.57 13.86 6.21
CA PHE B 103 -6.90 14.68 5.20
C PHE B 103 -7.80 14.85 3.97
N THR B 104 -8.44 13.78 3.52
N THR B 104 -8.43 13.78 3.50
CA THR B 104 -9.29 13.86 2.35
CA THR B 104 -9.29 13.89 2.32
C THR B 104 -10.46 14.83 2.57
C THR B 104 -10.46 14.86 2.58
N ASN B 105 -11.08 14.77 3.75
CA ASN B 105 -12.13 15.72 4.13
C ASN B 105 -11.67 17.15 3.93
N CYS B 106 -10.43 17.43 4.38
CA CYS B 106 -9.88 18.76 4.24
C CYS B 106 -9.79 19.17 2.76
N TYR B 107 -9.21 18.31 1.94
CA TYR B 107 -9.06 18.60 0.50
C TYR B 107 -10.40 18.77 -0.20
N ILE B 108 -11.37 17.95 0.17
CA ILE B 108 -12.66 17.95 -0.51
C ILE B 108 -13.49 19.20 -0.19
N TYR B 109 -13.54 19.60 1.07
CA TYR B 109 -14.41 20.73 1.49
C TYR B 109 -13.83 22.11 1.20
N ASN B 110 -12.54 22.29 1.45
CA ASN B 110 -11.93 23.62 1.39
C ASN B 110 -11.56 24.05 -0.04
N LYS B 111 -11.43 25.35 -0.26
CA LYS B 111 -10.96 25.88 -1.54
C LYS B 111 -9.49 25.50 -1.75
N PRO B 112 -9.10 25.21 -3.00
CA PRO B 112 -7.75 24.78 -3.31
C PRO B 112 -6.68 25.73 -2.80
N THR B 113 -7.01 27.02 -2.75
CA THR B 113 -6.04 28.05 -2.36
C THR B 113 -6.06 28.39 -0.86
N ASP B 114 -6.93 27.76 -0.07
CA ASP B 114 -6.96 28.01 1.38
C ASP B 114 -5.69 27.49 2.05
N ASP B 115 -5.19 28.24 3.05
CA ASP B 115 -4.02 27.80 3.83
C ASP B 115 -4.18 26.42 4.46
N ILE B 116 -5.40 26.09 4.89
CA ILE B 116 -5.65 24.80 5.52
C ILE B 116 -5.28 23.64 4.63
N VAL B 117 -5.44 23.80 3.33
CA VAL B 117 -5.05 22.74 2.39
C VAL B 117 -3.56 22.49 2.41
N LEU B 118 -2.79 23.57 2.44
N LEU B 118 -2.77 23.57 2.43
CA LEU B 118 -1.33 23.51 2.52
CA LEU B 118 -1.31 23.47 2.52
C LEU B 118 -0.91 22.85 3.83
C LEU B 118 -0.91 22.82 3.84
N MET B 119 -1.59 23.21 4.91
CA MET B 119 -1.35 22.63 6.24
C MET B 119 -1.61 21.11 6.28
N ALA B 120 -2.73 20.68 5.70
CA ALA B 120 -3.02 19.25 5.59
C ALA B 120 -1.96 18.53 4.78
N GLN B 121 -1.60 19.09 3.61
CA GLN B 121 -0.59 18.47 2.74
C GLN B 121 0.74 18.25 3.48
N THR B 122 1.17 19.26 4.24
CA THR B 122 2.42 19.17 5.01
C THR B 122 2.34 18.05 6.04
N LEU B 123 1.24 18.00 6.78
CA LEU B 123 1.06 16.96 7.78
C LEU B 123 0.96 15.58 7.11
N GLU B 124 0.30 15.51 5.95
CA GLU B 124 0.10 14.23 5.27
C GLU B 124 1.42 13.61 4.82
N LYS B 125 2.34 14.45 4.36
N LYS B 125 2.35 14.44 4.35
CA LYS B 125 3.67 14.04 3.93
CA LYS B 125 3.65 13.94 3.92
C LYS B 125 4.43 13.36 5.07
C LYS B 125 4.46 13.35 5.07
N ILE B 126 4.37 13.96 6.25
CA ILE B 126 5.01 13.42 7.44
C ILE B 126 4.39 12.07 7.83
N PHE B 127 3.05 12.03 7.82
CA PHE B 127 2.33 10.79 8.08
C PHE B 127 2.87 9.66 7.21
N LEU B 128 2.95 9.90 5.90
CA LEU B 128 3.43 8.87 4.99
C LEU B 128 4.90 8.53 5.21
N GLN B 129 5.73 9.55 5.43
CA GLN B 129 7.13 9.33 5.79
C GLN B 129 7.25 8.39 6.98
N LYS B 130 6.53 8.68 8.04
CA LYS B 130 6.59 7.87 9.26
C LYS B 130 6.00 6.47 9.04
N VAL B 131 4.93 6.38 8.26
CA VAL B 131 4.27 5.10 8.01
C VAL B 131 5.21 4.14 7.29
N ALA B 132 6.09 4.67 6.44
CA ALA B 132 7.02 3.85 5.68
C ALA B 132 8.02 3.09 6.58
N SER B 133 8.26 3.60 7.79
CA SER B 133 9.14 2.96 8.75
C SER B 133 8.41 2.20 9.84
N MET B 134 7.11 1.95 9.65
CA MET B 134 6.32 1.21 10.62
C MET B 134 6.79 -0.25 10.62
N PRO B 135 6.92 -0.86 11.82
CA PRO B 135 7.29 -2.29 11.91
C PRO B 135 6.34 -3.22 11.14
N GLN B 136 6.89 -4.21 10.47
CA GLN B 136 6.09 -5.08 9.60
C GLN B 136 5.62 -6.31 10.36
N THR C 30 -5.72 -37.06 -6.42
CA THR C 30 -6.59 -35.84 -6.39
C THR C 30 -6.80 -35.35 -4.95
N ASN C 31 -7.20 -36.24 -4.05
CA ASN C 31 -7.57 -35.81 -2.70
C ASN C 31 -6.47 -34.95 -2.04
N GLN C 32 -5.24 -35.48 -2.04
CA GLN C 32 -4.09 -34.74 -1.50
C GLN C 32 -3.79 -33.49 -2.34
N LEU C 33 -3.73 -33.63 -3.66
CA LEU C 33 -3.48 -32.48 -4.53
C LEU C 33 -4.59 -31.42 -4.39
N GLN C 34 -5.83 -31.88 -4.23
CA GLN C 34 -6.98 -30.99 -4.04
C GLN C 34 -6.80 -30.20 -2.74
N TYR C 35 -6.35 -30.87 -1.70
CA TYR C 35 -6.02 -30.23 -0.44
C TYR C 35 -4.86 -29.23 -0.59
N LEU C 36 -3.79 -29.65 -1.26
CA LEU C 36 -2.65 -28.75 -1.49
C LEU C 36 -3.03 -27.49 -2.24
N HIS C 37 -4.03 -27.59 -3.14
CA HIS C 37 -4.54 -26.43 -3.87
C HIS C 37 -5.48 -25.61 -3.04
N LYS C 38 -6.52 -26.26 -2.51
CA LYS C 38 -7.66 -25.57 -1.93
C LYS C 38 -7.42 -25.11 -0.50
N VAL C 39 -6.51 -25.76 0.21
CA VAL C 39 -6.20 -25.34 1.57
C VAL C 39 -4.79 -24.76 1.67
N VAL C 40 -3.78 -25.51 1.24
CA VAL C 40 -2.40 -25.06 1.42
C VAL C 40 -2.09 -23.83 0.56
N MET C 41 -2.16 -23.97 -0.77
CA MET C 41 -1.87 -22.83 -1.63
C MET C 41 -2.77 -21.62 -1.32
N LYS C 42 -4.06 -21.86 -1.06
CA LYS C 42 -4.99 -20.78 -0.73
C LYS C 42 -4.49 -19.97 0.47
N ALA C 43 -4.03 -20.67 1.50
CA ALA C 43 -3.51 -20.02 2.69
C ALA C 43 -2.20 -19.28 2.37
N LEU C 44 -1.28 -19.92 1.64
CA LEU C 44 0.04 -19.33 1.39
C LEU C 44 0.00 -18.15 0.40
N TRP C 45 -0.82 -18.28 -0.64
CA TRP C 45 -0.92 -17.26 -1.69
C TRP C 45 -1.31 -15.88 -1.21
N LYS C 46 -2.29 -15.81 -0.31
CA LYS C 46 -2.79 -14.53 0.19
C LYS C 46 -2.06 -14.03 1.44
N HIS C 47 -1.12 -14.82 1.96
CA HIS C 47 -0.36 -14.40 3.13
C HIS C 47 0.42 -13.15 2.80
N GLN C 48 0.61 -12.28 3.79
CA GLN C 48 1.28 -10.98 3.57
C GLN C 48 2.74 -11.13 3.15
N PHE C 49 3.37 -12.24 3.54
CA PHE C 49 4.76 -12.51 3.17
C PHE C 49 4.91 -13.17 1.79
N ALA C 50 3.81 -13.46 1.10
CA ALA C 50 3.88 -14.24 -0.15
C ALA C 50 4.47 -13.46 -1.32
N TRP C 51 4.36 -12.13 -1.31
CA TRP C 51 4.59 -11.33 -2.51
C TRP C 51 5.93 -11.55 -3.21
N PRO C 52 7.02 -11.76 -2.46
CA PRO C 52 8.27 -11.98 -3.20
C PRO C 52 8.30 -13.32 -3.94
N PHE C 53 7.39 -14.22 -3.55
CA PHE C 53 7.34 -15.58 -4.07
C PHE C 53 6.24 -15.83 -5.10
N ARG C 54 5.40 -14.83 -5.38
CA ARG C 54 4.27 -15.01 -6.29
C ARG C 54 4.65 -15.13 -7.77
N GLN C 55 5.88 -14.78 -8.12
CA GLN C 55 6.37 -14.93 -9.49
C GLN C 55 7.86 -15.25 -9.45
N PRO C 56 8.39 -15.80 -10.55
CA PRO C 56 9.79 -16.19 -10.57
C PRO C 56 10.72 -15.03 -10.23
N VAL C 57 11.84 -15.32 -9.57
CA VAL C 57 12.89 -14.32 -9.40
C VAL C 57 13.32 -13.81 -10.79
N ASP C 58 13.24 -12.50 -10.98
CA ASP C 58 13.73 -11.85 -12.20
C ASP C 58 15.09 -11.25 -11.86
N ALA C 59 16.16 -11.98 -12.16
CA ALA C 59 17.53 -11.59 -11.81
C ALA C 59 17.98 -10.30 -12.50
N VAL C 60 17.46 -10.04 -13.69
CA VAL C 60 17.80 -8.83 -14.42
C VAL C 60 17.14 -7.62 -13.75
N LYS C 61 15.82 -7.68 -13.58
CA LYS C 61 15.04 -6.61 -12.92
C LYS C 61 15.53 -6.30 -11.49
N LEU C 62 15.89 -7.34 -10.73
CA LEU C 62 16.43 -7.13 -9.37
C LEU C 62 17.91 -6.79 -9.35
N GLY C 63 18.54 -6.77 -10.53
CA GLY C 63 19.96 -6.45 -10.66
C GLY C 63 20.83 -7.42 -9.88
N LEU C 64 20.57 -8.72 -10.03
CA LEU C 64 21.29 -9.76 -9.31
C LEU C 64 21.84 -10.81 -10.26
N PRO C 65 22.92 -10.48 -11.00
CA PRO C 65 23.45 -11.36 -12.06
C PRO C 65 24.00 -12.71 -11.61
N ASP C 66 24.22 -12.92 -10.32
CA ASP C 66 24.73 -14.20 -9.82
C ASP C 66 23.62 -15.21 -9.42
N TYR C 67 22.37 -14.77 -9.41
CA TYR C 67 21.28 -15.60 -8.93
C TYR C 67 21.27 -16.98 -9.60
N HIS C 68 21.25 -17.00 -10.92
CA HIS C 68 21.19 -18.25 -11.65
C HIS C 68 22.48 -19.01 -11.72
N LYS C 69 23.60 -18.40 -11.32
CA LYS C 69 24.87 -19.12 -11.14
C LYS C 69 24.85 -19.92 -9.84
N ILE C 70 24.13 -19.41 -8.84
CA ILE C 70 24.08 -20.05 -7.53
C ILE C 70 22.86 -20.99 -7.44
N ILE C 71 21.70 -20.51 -7.86
CA ILE C 71 20.48 -21.33 -7.80
C ILE C 71 20.21 -22.09 -9.11
N LYS C 72 20.21 -23.41 -9.02
CA LYS C 72 20.12 -24.26 -10.21
C LYS C 72 18.70 -24.58 -10.66
N GLN C 73 17.76 -24.72 -9.73
CA GLN C 73 16.35 -25.01 -10.06
C GLN C 73 15.44 -23.93 -9.44
N PRO C 74 15.19 -22.84 -10.17
CA PRO C 74 14.30 -21.80 -9.67
C PRO C 74 12.88 -22.32 -9.48
N MET C 75 12.18 -21.79 -8.47
CA MET C 75 10.78 -22.14 -8.23
C MET C 75 10.09 -20.99 -7.50
N ASP C 76 8.79 -20.89 -7.71
CA ASP C 76 7.97 -19.85 -7.11
C ASP C 76 6.53 -20.32 -6.97
N MET C 77 5.77 -19.61 -6.12
CA MET C 77 4.36 -19.94 -5.90
C MET C 77 3.46 -19.72 -7.14
N GLY C 78 3.85 -18.84 -8.04
CA GLY C 78 3.06 -18.62 -9.26
C GLY C 78 3.08 -19.87 -10.12
N THR C 79 4.26 -20.47 -10.27
CA THR C 79 4.43 -21.70 -11.01
C THR C 79 3.70 -22.87 -10.37
N ILE C 80 3.82 -23.01 -9.05
CA ILE C 80 3.18 -24.12 -8.31
C ILE C 80 1.66 -24.00 -8.44
N LYS C 81 1.15 -22.78 -8.32
CA LYS C 81 -0.28 -22.50 -8.41
C LYS C 81 -0.85 -22.84 -9.79
N ARG C 82 -0.15 -22.39 -10.83
CA ARG C 82 -0.58 -22.70 -12.20
C ARG C 82 -0.58 -24.20 -12.39
N ARG C 83 0.46 -24.87 -11.86
CA ARG C 83 0.57 -26.31 -11.97
C ARG C 83 -0.55 -27.03 -11.23
N LEU C 84 -0.98 -26.49 -10.09
CA LEU C 84 -2.12 -27.10 -9.38
C LEU C 84 -3.40 -26.90 -10.18
N GLU C 85 -3.61 -25.68 -10.66
CA GLU C 85 -4.79 -25.33 -11.42
C GLU C 85 -4.88 -26.20 -12.68
N ASN C 86 -3.73 -26.49 -13.28
CA ASN C 86 -3.69 -27.21 -14.56
C ASN C 86 -3.50 -28.72 -14.45
N ASN C 87 -3.59 -29.27 -13.24
CA ASN C 87 -3.44 -30.72 -13.00
C ASN C 87 -2.07 -31.29 -13.37
N TYR C 88 -1.05 -30.46 -13.28
CA TYR C 88 0.30 -30.84 -13.66
C TYR C 88 0.85 -32.01 -12.83
N TYR C 89 0.65 -31.98 -11.51
CA TYR C 89 1.28 -32.96 -10.61
C TYR C 89 0.58 -34.31 -10.62
N TRP C 90 1.38 -35.37 -10.49
CA TRP C 90 0.86 -36.74 -10.24
C TRP C 90 0.71 -37.07 -8.79
N ALA C 91 1.69 -36.65 -7.99
CA ALA C 91 1.70 -36.97 -6.58
C ALA C 91 1.81 -35.69 -5.78
N ALA C 92 1.21 -35.67 -4.58
CA ALA C 92 1.34 -34.55 -3.67
C ALA C 92 2.82 -34.24 -3.41
N SER C 93 3.63 -35.29 -3.33
CA SER C 93 5.06 -35.18 -3.05
C SER C 93 5.79 -34.26 -4.00
N GLU C 94 5.42 -34.26 -5.27
CA GLU C 94 6.06 -33.42 -6.29
C GLU C 94 5.76 -31.95 -6.02
N CYS C 95 4.52 -31.66 -5.63
CA CYS C 95 4.14 -30.31 -5.28
C CYS C 95 4.89 -29.91 -4.01
N MET C 96 4.99 -30.85 -3.07
CA MET C 96 5.71 -30.58 -1.81
C MET C 96 7.17 -30.27 -2.09
N GLN C 97 7.78 -31.02 -3.00
CA GLN C 97 9.16 -30.76 -3.39
C GLN C 97 9.32 -29.39 -4.00
N ASP C 98 8.33 -28.97 -4.79
CA ASP C 98 8.38 -27.65 -5.42
C ASP C 98 8.36 -26.55 -4.36
N PHE C 99 7.45 -26.67 -3.39
CA PHE C 99 7.47 -25.74 -2.25
C PHE C 99 8.83 -25.72 -1.55
N ASN C 100 9.37 -26.90 -1.29
CA ASN C 100 10.64 -27.01 -0.61
C ASN C 100 11.78 -26.33 -1.37
N THR C 101 11.87 -26.57 -2.68
CA THR C 101 12.88 -25.94 -3.51
C THR C 101 12.75 -24.42 -3.46
N MET C 102 11.53 -23.93 -3.61
CA MET C 102 11.29 -22.51 -3.52
C MET C 102 11.93 -21.94 -2.26
N PHE C 103 11.61 -22.53 -1.11
CA PHE C 103 12.12 -22.02 0.15
C PHE C 103 13.64 -22.21 0.27
N THR C 104 14.11 -23.39 -0.07
CA THR C 104 15.54 -23.66 -0.02
C THR C 104 16.36 -22.71 -0.89
N ASN C 105 15.95 -22.51 -2.14
CA ASN C 105 16.62 -21.49 -2.98
C ASN C 105 16.77 -20.16 -2.25
N CYS C 106 15.71 -19.75 -1.57
CA CYS C 106 15.71 -18.49 -0.83
C CYS C 106 16.76 -18.49 0.30
N TYR C 107 16.78 -19.57 1.08
CA TYR C 107 17.75 -19.69 2.16
C TYR C 107 19.17 -19.75 1.66
N ILE C 108 19.38 -20.36 0.50
CA ILE C 108 20.73 -20.56 0.00
C ILE C 108 21.27 -19.26 -0.57
N TYR C 109 20.45 -18.56 -1.35
CA TYR C 109 20.92 -17.38 -2.06
C TYR C 109 21.08 -16.14 -1.17
N ASN C 110 20.10 -15.90 -0.32
CA ASN C 110 20.05 -14.64 0.43
C ASN C 110 20.93 -14.66 1.69
N LYS C 111 21.25 -13.47 2.19
CA LYS C 111 22.04 -13.35 3.41
C LYS C 111 21.22 -13.75 4.63
N PRO C 112 21.85 -14.38 5.64
CA PRO C 112 21.12 -14.83 6.82
C PRO C 112 20.27 -13.73 7.44
N THR C 113 20.77 -12.49 7.37
CA THR C 113 20.07 -11.34 7.96
C THR C 113 19.00 -10.69 7.07
N ASP C 114 18.90 -11.07 5.80
CA ASP C 114 17.86 -10.50 4.93
C ASP C 114 16.45 -10.79 5.45
N ASP C 115 15.57 -9.79 5.37
CA ASP C 115 14.14 -9.95 5.72
C ASP C 115 13.44 -11.09 5.00
N ILE C 116 13.82 -11.28 3.73
CA ILE C 116 13.24 -12.36 2.93
C ILE C 116 13.42 -13.72 3.61
N VAL C 117 14.53 -13.92 4.32
CA VAL C 117 14.82 -15.22 4.98
C VAL C 117 13.78 -15.49 6.08
N LEU C 118 13.51 -14.48 6.91
CA LEU C 118 12.46 -14.63 7.94
C LEU C 118 11.09 -14.84 7.30
N MET C 119 10.81 -14.15 6.20
CA MET C 119 9.53 -14.30 5.52
C MET C 119 9.35 -15.74 5.04
N ALA C 120 10.37 -16.29 4.39
CA ALA C 120 10.38 -17.69 3.96
C ALA C 120 10.18 -18.65 5.14
N GLN C 121 10.90 -18.42 6.24
CA GLN C 121 10.75 -19.27 7.44
C GLN C 121 9.30 -19.31 7.90
N THR C 122 8.67 -18.14 7.97
CA THR C 122 7.28 -18.04 8.39
C THR C 122 6.35 -18.79 7.47
N LEU C 123 6.53 -18.59 6.16
CA LEU C 123 5.69 -19.27 5.20
C LEU C 123 5.91 -20.77 5.24
N GLU C 124 7.18 -21.21 5.32
CA GLU C 124 7.47 -22.65 5.34
C GLU C 124 6.88 -23.38 6.53
N LYS C 125 6.89 -22.75 7.70
CA LYS C 125 6.30 -23.36 8.89
C LYS C 125 4.80 -23.57 8.71
N ILE C 126 4.12 -22.62 8.08
CA ILE C 126 2.69 -22.75 7.76
C ILE C 126 2.49 -23.89 6.77
N PHE C 127 3.27 -23.88 5.69
CA PHE C 127 3.30 -25.00 4.72
C PHE C 127 3.38 -26.35 5.41
N LEU C 128 4.38 -26.54 6.27
CA LEU C 128 4.56 -27.82 6.96
C LEU C 128 3.42 -28.19 7.88
N GLN C 129 2.93 -27.20 8.63
CA GLN C 129 1.78 -27.38 9.50
C GLN C 129 0.61 -27.92 8.66
N LYS C 130 0.30 -27.25 7.57
CA LYS C 130 -0.81 -27.67 6.72
C LYS C 130 -0.57 -29.06 6.15
N VAL C 131 0.65 -29.30 5.68
CA VAL C 131 1.00 -30.61 5.13
C VAL C 131 0.78 -31.75 6.13
N ALA C 132 1.04 -31.50 7.40
CA ALA C 132 0.86 -32.54 8.42
C ALA C 132 -0.60 -33.02 8.53
N SER C 133 -1.56 -32.13 8.23
CA SER C 133 -2.99 -32.47 8.32
C SER C 133 -3.61 -32.86 6.98
N MET C 134 -2.76 -33.12 5.99
CA MET C 134 -3.19 -33.49 4.66
C MET C 134 -3.75 -34.91 4.70
N PRO C 135 -4.77 -35.21 3.89
CA PRO C 135 -5.26 -36.59 3.82
C PRO C 135 -4.21 -37.56 3.23
N GLN C 136 -4.46 -38.86 3.31
CA GLN C 136 -3.56 -39.85 2.71
C GLN C 136 -4.25 -40.53 1.52
#